data_7OXU
#
_entry.id   7OXU
#
_cell.length_a   65.728
_cell.length_b   65.728
_cell.length_c   264.354
_cell.angle_alpha   90.000
_cell.angle_beta   90.000
_cell.angle_gamma   120.000
#
_symmetry.space_group_name_H-M   'P 65 2 2'
#
loop_
_entity.id
_entity.type
_entity.pdbx_description
1 polymer 'Vitamin D3 receptor A'
2 polymer 'Mediator of RNA polymerase II transcription subunit 1'
3 non-polymer 'calcitroic acid'
4 water water
#
loop_
_entity_poly.entity_id
_entity_poly.type
_entity_poly.pdbx_seq_one_letter_code
_entity_poly.pdbx_strand_id
1 'polypeptide(L)'
;GSHMLSDEQMQIINSLVEAHHKTYDDSYSDFVRFRPPVRVGPVTRSASRAASLHSLSDASSDSFNHSPESVDTKLNFSNL
LMMYQDSGSPDSSEEDQQSRLSMLPHLADLVSYSIQKVIGFAKMIPGFRDLTAEDQIALLKSSAIEIIMLRSNQSFSLED
MSWSCGGPDFKYCINDVTKAGHTLELLEPLVKFQVGLKKLKLHEEEHVLLMAICLLSPDRPGVQDHVRIEALQDRLCDVL
QAYIRIQHPGGRLLYAKMIQKLADLRSLNEEHSKQYRSLSFQPEHSMQLTPLVLEVFGSEVS
;
A
2 'polypeptide(L)' NHPMLMNLLK B
#
loop_
_chem_comp.id
_chem_comp.type
_chem_comp.name
_chem_comp.formula
2QI non-polymer 'calcitroic acid' 'C23 H34 O4'
#
# COMPACT_ATOMS: atom_id res chain seq x y z
N HIS A 3 -1.78 -3.13 -29.80
CA HIS A 3 -1.33 -2.28 -30.90
C HIS A 3 -1.29 -0.79 -30.48
N MET A 4 -2.36 -0.31 -29.85
CA MET A 4 -2.43 1.07 -29.37
C MET A 4 -3.19 1.10 -28.05
N LEU A 5 -3.13 2.25 -27.37
CA LEU A 5 -3.91 2.51 -26.17
C LEU A 5 -5.17 3.30 -26.52
N SER A 6 -6.29 2.94 -25.90
CA SER A 6 -7.55 3.61 -26.19
C SER A 6 -7.66 4.88 -25.35
N ASP A 7 -8.63 5.73 -25.72
CA ASP A 7 -8.82 6.98 -25.01
C ASP A 7 -9.22 6.75 -23.56
N GLU A 8 -10.20 5.85 -23.34
CA GLU A 8 -10.57 5.51 -21.97
C GLU A 8 -9.35 5.03 -21.18
N GLN A 9 -8.47 4.26 -21.83
CA GLN A 9 -7.32 3.70 -21.13
C GLN A 9 -6.24 4.74 -20.86
N MET A 10 -6.02 5.69 -21.78
CA MET A 10 -5.13 6.80 -21.48
C MET A 10 -5.66 7.61 -20.31
N GLN A 11 -6.98 7.77 -20.22
CA GLN A 11 -7.56 8.54 -19.12
C GLN A 11 -7.45 7.80 -17.79
N ILE A 12 -7.65 6.47 -17.80
CA ILE A 12 -7.43 5.70 -16.58
C ILE A 12 -5.99 5.87 -16.10
N ILE A 13 -5.03 5.90 -17.03
CA ILE A 13 -3.63 6.11 -16.66
C ILE A 13 -3.40 7.52 -16.13
N ASN A 14 -4.04 8.52 -16.74
CA ASN A 14 -3.76 9.89 -16.40
C ASN A 14 -4.20 10.20 -14.98
N SER A 15 -5.44 9.87 -14.64
CA SER A 15 -5.89 10.19 -13.29
C SER A 15 -5.21 9.33 -12.24
N LEU A 16 -4.83 8.09 -12.59
CA LEU A 16 -4.08 7.28 -11.65
C LEU A 16 -2.72 7.89 -11.34
N VAL A 17 -2.00 8.36 -12.36
CA VAL A 17 -0.71 8.97 -12.13
C VAL A 17 -0.87 10.27 -11.36
N GLU A 18 -1.85 11.08 -11.76
CA GLU A 18 -2.13 12.32 -11.05
C GLU A 18 -2.50 12.05 -9.60
N ALA A 19 -3.34 11.05 -9.36
CA ALA A 19 -3.74 10.70 -8.00
C ALA A 19 -2.53 10.40 -7.14
N HIS A 20 -1.64 9.55 -7.63
CA HIS A 20 -0.44 9.23 -6.88
C HIS A 20 0.39 10.47 -6.64
N HIS A 21 0.44 11.35 -7.64
CA HIS A 21 1.22 12.57 -7.45
C HIS A 21 0.63 13.46 -6.37
N LYS A 22 -0.70 13.47 -6.22
CA LYS A 22 -1.37 14.23 -5.17
C LYS A 22 -1.27 13.60 -3.79
N THR A 23 -0.70 12.40 -3.66
CA THR A 23 -0.70 11.67 -2.41
C THR A 23 0.66 11.08 -2.07
N TYR A 24 1.72 11.48 -2.77
CA TYR A 24 3.07 10.99 -2.50
C TYR A 24 4.06 12.13 -2.64
N ASP A 25 4.82 12.38 -1.58
CA ASP A 25 5.80 13.45 -1.52
C ASP A 25 7.17 12.82 -1.45
N ASP A 26 7.95 12.98 -2.54
CA ASP A 26 9.28 12.40 -2.64
C ASP A 26 10.30 13.12 -1.79
N SER A 27 9.88 14.10 -0.98
CA SER A 27 10.73 14.78 -0.03
C SER A 27 10.46 14.39 1.41
N TYR A 28 9.32 13.74 1.69
CA TYR A 28 8.99 13.25 3.03
C TYR A 28 9.04 14.37 4.05
N SER A 29 8.43 15.51 3.71
CA SER A 29 8.59 16.70 4.53
C SER A 29 7.57 16.76 5.65
N ASP A 30 6.53 15.92 5.60
CA ASP A 30 5.57 15.79 6.68
C ASP A 30 6.07 14.92 7.82
N PHE A 31 7.16 14.17 7.60
CA PHE A 31 7.63 13.26 8.64
C PHE A 31 8.07 14.01 9.90
N VAL A 32 8.37 15.30 9.81
CA VAL A 32 8.75 16.02 11.02
C VAL A 32 7.57 16.16 11.97
N ARG A 33 6.34 16.10 11.45
CA ARG A 33 5.15 16.21 12.27
C ARG A 33 4.80 14.92 13.00
N PHE A 34 5.50 13.83 12.71
CA PHE A 34 5.23 12.58 13.44
C PHE A 34 5.96 12.61 14.76
N ARG A 35 5.53 11.71 15.65
CA ARG A 35 6.29 11.52 16.88
C ARG A 35 7.69 11.05 16.51
N PRO A 36 8.72 11.48 17.22
CA PRO A 36 10.07 11.30 16.73
C PRO A 36 10.50 9.85 16.84
N PRO A 37 11.36 9.38 15.94
CA PRO A 37 11.91 8.04 16.08
C PRO A 37 12.88 7.96 17.26
N VAL A 38 12.88 6.81 17.93
CA VAL A 38 13.78 6.54 19.05
C VAL A 38 14.38 5.16 18.81
N ARG A 39 15.69 5.09 18.66
CA ARG A 39 16.35 3.80 18.41
C ARG A 39 16.85 3.15 19.69
N ARG A 100 9.99 -0.85 25.35
CA ARG A 100 10.86 -1.81 24.68
C ARG A 100 10.76 -1.68 23.17
N LEU A 101 9.70 -1.06 22.70
CA LEU A 101 9.45 -0.85 21.26
C LEU A 101 9.51 0.64 20.96
N SER A 102 10.73 1.18 20.94
CA SER A 102 10.92 2.63 20.93
C SER A 102 10.57 3.26 19.60
N MET A 103 10.42 2.49 18.53
CA MET A 103 10.10 3.06 17.22
C MET A 103 8.61 3.01 16.93
N LEU A 104 7.85 2.25 17.70
CA LEU A 104 6.41 2.14 17.47
C LEU A 104 5.70 3.49 17.38
N PRO A 105 5.97 4.48 18.24
CA PRO A 105 5.28 5.78 18.06
C PRO A 105 5.48 6.40 16.69
N HIS A 106 6.73 6.52 16.23
CA HIS A 106 7.00 7.05 14.91
C HIS A 106 6.38 6.18 13.82
N LEU A 107 6.61 4.87 13.87
CA LEU A 107 6.18 4.03 12.76
C LEU A 107 4.68 3.90 12.72
N ALA A 108 4.02 3.97 13.87
CA ALA A 108 2.56 4.00 13.84
C ALA A 108 2.06 5.29 13.22
N ASP A 109 2.77 6.39 13.51
CA ASP A 109 2.41 7.66 12.90
C ASP A 109 2.65 7.64 11.39
N LEU A 110 3.79 7.06 10.95
CA LEU A 110 4.07 6.88 9.52
C LEU A 110 2.96 6.06 8.85
N VAL A 111 2.66 4.87 9.39
CA VAL A 111 1.60 4.00 8.87
C VAL A 111 0.25 4.71 8.85
N SER A 112 -0.03 5.53 9.88
CA SER A 112 -1.32 6.20 9.94
C SER A 112 -1.43 7.27 8.87
N TYR A 113 -0.35 8.03 8.69
CA TYR A 113 -0.24 8.99 7.60
C TYR A 113 -0.51 8.33 6.26
N SER A 114 0.19 7.21 6.00
CA SER A 114 0.13 6.55 4.69
C SER A 114 -1.25 5.97 4.43
N ILE A 115 -1.91 5.46 5.48
CA ILE A 115 -3.30 5.00 5.33
C ILE A 115 -4.14 6.13 4.76
N GLN A 116 -4.00 7.33 5.33
CA GLN A 116 -4.74 8.48 4.81
C GLN A 116 -4.40 8.74 3.36
N LYS A 117 -3.11 8.66 3.03
CA LYS A 117 -2.68 8.77 1.64
C LYS A 117 -3.36 7.70 0.78
N VAL A 118 -3.31 6.43 1.21
CA VAL A 118 -3.85 5.34 0.41
C VAL A 118 -5.33 5.56 0.13
N ILE A 119 -6.04 6.17 1.07
CA ILE A 119 -7.47 6.44 0.88
C ILE A 119 -7.68 7.49 -0.22
N GLY A 120 -6.97 8.62 -0.13
CA GLY A 120 -7.13 9.65 -1.15
C GLY A 120 -6.80 9.18 -2.56
N PHE A 121 -5.76 8.34 -2.68
CA PHE A 121 -5.48 7.63 -3.93
C PHE A 121 -6.66 6.75 -4.33
N ALA A 122 -7.12 5.90 -3.40
CA ALA A 122 -8.22 4.98 -3.69
C ALA A 122 -9.47 5.72 -4.14
N LYS A 123 -9.76 6.86 -3.54
CA LYS A 123 -10.93 7.64 -3.93
C LYS A 123 -10.85 8.17 -5.34
N MET A 124 -9.73 7.95 -6.02
CA MET A 124 -9.54 8.51 -7.34
C MET A 124 -9.35 7.48 -8.43
N ILE A 125 -9.12 6.22 -8.05
CA ILE A 125 -9.22 5.04 -8.92
C ILE A 125 -10.58 5.07 -9.60
N PRO A 126 -10.66 4.97 -10.92
CA PRO A 126 -11.96 5.03 -11.61
C PRO A 126 -12.94 3.98 -11.12
N GLY A 127 -14.09 4.42 -10.64
CA GLY A 127 -15.16 3.54 -10.23
C GLY A 127 -15.18 3.16 -8.77
N PHE A 128 -14.06 3.29 -8.06
CA PHE A 128 -14.05 3.00 -6.63
C PHE A 128 -15.13 3.79 -5.89
N ARG A 129 -15.24 5.09 -6.20
CA ARG A 129 -16.25 5.95 -5.58
C ARG A 129 -17.67 5.40 -5.72
N ASP A 130 -17.93 4.57 -6.72
CA ASP A 130 -19.29 4.12 -6.99
C ASP A 130 -19.64 2.82 -6.30
N LEU A 131 -18.64 2.12 -5.77
CA LEU A 131 -18.90 0.99 -4.90
C LEU A 131 -19.63 1.46 -3.65
N THR A 132 -20.46 0.58 -3.08
CA THR A 132 -21.10 0.93 -1.83
C THR A 132 -20.05 1.19 -0.75
N ALA A 133 -20.46 1.93 0.27
CA ALA A 133 -19.53 2.29 1.34
C ALA A 133 -18.92 1.06 1.98
N GLU A 134 -19.69 -0.02 2.10
CA GLU A 134 -19.20 -1.21 2.75
C GLU A 134 -18.12 -1.90 1.92
N ASP A 135 -18.22 -1.81 0.59
CA ASP A 135 -17.15 -2.38 -0.24
C ASP A 135 -15.92 -1.50 -0.25
N GLN A 136 -16.09 -0.17 -0.33
CA GLN A 136 -14.92 0.70 -0.22
C GLN A 136 -14.19 0.46 1.11
N ILE A 137 -14.96 0.24 2.17
CA ILE A 137 -14.34 -0.02 3.46
C ILE A 137 -13.70 -1.41 3.48
N ALA A 138 -14.43 -2.42 2.97
CA ALA A 138 -13.89 -3.78 2.94
C ALA A 138 -12.58 -3.86 2.16
N LEU A 139 -12.50 -3.17 1.02
CA LEU A 139 -11.29 -3.18 0.22
C LEU A 139 -10.14 -2.44 0.92
N LEU A 140 -10.40 -1.24 1.42
CA LEU A 140 -9.33 -0.49 2.10
C LEU A 140 -8.86 -1.19 3.36
N LYS A 141 -9.74 -1.88 4.09
CA LYS A 141 -9.32 -2.52 5.32
C LYS A 141 -8.37 -3.69 5.07
N SER A 142 -8.68 -4.55 4.10
CA SER A 142 -7.79 -5.70 3.87
C SER A 142 -6.58 -5.38 3.01
N SER A 143 -6.61 -4.33 2.19
CA SER A 143 -5.52 -4.08 1.25
C SER A 143 -4.59 -2.96 1.67
N ALA A 144 -4.97 -2.17 2.68
CA ALA A 144 -4.22 -0.97 3.05
C ALA A 144 -2.74 -1.25 3.25
N ILE A 145 -2.41 -2.27 4.05
CA ILE A 145 -1.01 -2.55 4.34
C ILE A 145 -0.27 -2.96 3.07
N GLU A 146 -0.94 -3.70 2.19
CA GLU A 146 -0.33 -4.09 0.92
C GLU A 146 -0.02 -2.88 0.04
N ILE A 147 -0.94 -1.91 0.01
CA ILE A 147 -0.67 -0.68 -0.76
C ILE A 147 0.43 0.13 -0.10
N ILE A 148 0.56 0.05 1.22
CA ILE A 148 1.65 0.72 1.91
C ILE A 148 2.98 0.05 1.57
N MET A 149 3.02 -1.28 1.56
CA MET A 149 4.24 -1.98 1.15
C MET A 149 4.61 -1.64 -0.31
N LEU A 150 3.62 -1.67 -1.19
CA LEU A 150 3.83 -1.28 -2.59
C LEU A 150 4.35 0.15 -2.70
N ARG A 151 3.66 1.10 -2.05
CA ARG A 151 4.07 2.50 -2.21
C ARG A 151 5.40 2.76 -1.51
N SER A 152 5.71 2.00 -0.46
CA SER A 152 6.99 2.18 0.22
C SER A 152 8.15 1.90 -0.70
N ASN A 153 7.92 1.22 -1.82
CA ASN A 153 9.04 0.86 -2.69
C ASN A 153 9.75 2.10 -3.24
N GLN A 154 9.05 3.24 -3.31
CA GLN A 154 9.69 4.45 -3.83
C GLN A 154 10.76 5.00 -2.88
N SER A 155 10.74 4.66 -1.60
CA SER A 155 11.82 5.12 -0.73
C SER A 155 12.86 4.05 -0.45
N PHE A 156 12.59 2.80 -0.84
CA PHE A 156 13.55 1.75 -0.62
C PHE A 156 14.80 1.95 -1.49
N SER A 157 15.96 1.64 -0.93
CA SER A 157 17.23 1.81 -1.60
C SER A 157 18.02 0.51 -1.55
N LEU A 158 18.53 0.07 -2.70
CA LEU A 158 19.31 -1.15 -2.75
C LEU A 158 20.67 -0.98 -2.10
N GLU A 159 21.28 0.19 -2.27
CA GLU A 159 22.60 0.44 -1.69
C GLU A 159 22.59 0.14 -0.20
N ASP A 160 21.60 0.67 0.53
CA ASP A 160 21.52 0.52 1.97
C ASP A 160 20.49 -0.49 2.43
N MET A 161 19.65 -1.01 1.53
CA MET A 161 18.64 -2.03 1.89
C MET A 161 17.65 -1.47 2.89
N SER A 162 17.23 -0.23 2.68
CA SER A 162 16.42 0.47 3.65
C SER A 162 15.53 1.47 2.92
N TRP A 163 14.56 1.97 3.66
CA TRP A 163 13.75 3.11 3.21
C TRP A 163 14.45 4.38 3.67
N SER A 164 14.76 5.25 2.71
CA SER A 164 15.57 6.46 2.94
C SER A 164 14.64 7.64 2.74
N CYS A 165 13.85 7.93 3.76
CA CYS A 165 12.95 9.07 3.73
C CYS A 165 13.57 10.35 4.25
N GLY A 166 14.88 10.34 4.54
CA GLY A 166 15.50 11.50 5.14
C GLY A 166 16.91 11.16 5.54
N GLY A 167 17.46 12.00 6.40
CA GLY A 167 18.79 11.76 6.93
C GLY A 167 18.81 10.54 7.82
N PRO A 168 19.68 10.56 8.84
CA PRO A 168 19.71 9.42 9.77
C PRO A 168 18.42 9.19 10.53
N ASP A 169 17.58 10.22 10.71
CA ASP A 169 16.35 10.04 11.48
C ASP A 169 15.36 9.16 10.73
N PHE A 170 15.11 9.47 9.45
CA PHE A 170 14.02 8.87 8.69
C PHE A 170 14.51 7.78 7.74
N LYS A 171 15.73 7.29 7.95
CA LYS A 171 16.27 6.15 7.23
C LYS A 171 15.97 4.89 8.03
N TYR A 172 14.95 4.14 7.59
CA TYR A 172 14.43 2.99 8.33
C TYR A 172 15.07 1.70 7.83
N CYS A 173 15.71 0.97 8.74
CA CYS A 173 16.28 -0.33 8.45
C CYS A 173 15.49 -1.40 9.20
N ILE A 174 15.94 -2.65 9.06
CA ILE A 174 15.21 -3.78 9.65
C ILE A 174 15.25 -3.73 11.17
N ASN A 175 16.41 -3.38 11.73
CA ASN A 175 16.54 -3.24 13.18
C ASN A 175 15.55 -2.22 13.72
N ASP A 176 15.32 -1.13 12.98
CA ASP A 176 14.36 -0.13 13.40
C ASP A 176 12.96 -0.72 13.50
N VAL A 177 12.47 -1.33 12.41
CA VAL A 177 11.12 -1.87 12.40
C VAL A 177 10.97 -3.03 13.37
N THR A 178 12.08 -3.63 13.79
CA THR A 178 12.07 -4.57 14.91
C THR A 178 11.57 -3.88 16.18
N LYS A 179 12.10 -2.68 16.47
CA LYS A 179 11.74 -1.89 17.64
C LYS A 179 10.39 -1.22 17.45
N ALA A 180 9.60 -1.76 16.52
CA ALA A 180 8.19 -1.42 16.40
C ALA A 180 7.32 -2.66 16.51
N GLY A 181 7.91 -3.81 16.84
CA GLY A 181 7.16 -5.01 17.16
C GLY A 181 7.00 -6.03 16.07
N HIS A 182 7.90 -6.10 15.10
CA HIS A 182 7.78 -7.04 14.01
C HIS A 182 9.00 -7.94 13.95
N THR A 183 8.79 -9.23 13.71
CA THR A 183 9.85 -10.22 13.76
C THR A 183 10.43 -10.48 12.37
N LEU A 184 11.58 -11.15 12.36
CA LEU A 184 12.26 -11.46 11.10
C LEU A 184 11.35 -12.22 10.14
N GLU A 185 10.39 -12.99 10.68
CA GLU A 185 9.49 -13.78 9.85
C GLU A 185 8.58 -12.93 8.98
N LEU A 186 8.52 -11.62 9.21
CA LEU A 186 7.81 -10.73 8.30
C LEU A 186 8.74 -9.83 7.52
N LEU A 187 9.76 -9.29 8.21
CA LEU A 187 10.67 -8.35 7.57
C LEU A 187 11.59 -9.03 6.55
N GLU A 188 11.93 -10.30 6.76
CA GLU A 188 12.82 -10.98 5.83
C GLU A 188 12.15 -11.17 4.46
N PRO A 189 10.88 -11.55 4.38
CA PRO A 189 10.22 -11.53 3.06
C PRO A 189 9.95 -10.13 2.54
N LEU A 190 9.61 -9.19 3.43
CA LEU A 190 9.25 -7.84 2.99
C LEU A 190 10.39 -7.20 2.22
N VAL A 191 11.60 -7.27 2.77
CA VAL A 191 12.76 -6.73 2.08
C VAL A 191 12.97 -7.42 0.73
N LYS A 192 12.98 -8.76 0.72
CA LYS A 192 13.13 -9.48 -0.54
C LYS A 192 12.05 -9.07 -1.54
N PHE A 193 10.84 -8.81 -1.06
CA PHE A 193 9.82 -8.29 -1.96
C PHE A 193 10.20 -6.89 -2.45
N GLN A 194 10.66 -6.02 -1.54
CA GLN A 194 11.11 -4.70 -1.95
C GLN A 194 12.26 -4.78 -2.96
N VAL A 195 13.22 -5.68 -2.73
CA VAL A 195 14.37 -5.81 -3.63
C VAL A 195 13.91 -6.20 -5.03
N GLY A 196 13.12 -7.27 -5.13
CA GLY A 196 12.65 -7.73 -6.43
C GLY A 196 11.70 -6.77 -7.12
N LEU A 197 10.93 -5.99 -6.35
CA LEU A 197 10.02 -5.00 -6.94
C LEU A 197 10.80 -3.82 -7.49
N LYS A 198 11.76 -3.32 -6.72
CA LYS A 198 12.69 -2.32 -7.23
C LYS A 198 13.38 -2.83 -8.49
N LYS A 199 13.85 -4.07 -8.45
CA LYS A 199 14.58 -4.66 -9.57
C LYS A 199 13.75 -4.77 -10.84
N LEU A 200 12.43 -4.59 -10.78
CA LEU A 200 11.67 -4.58 -12.03
C LEU A 200 11.66 -3.21 -12.69
N LYS A 201 12.18 -2.16 -12.02
CA LYS A 201 12.32 -0.80 -12.59
C LYS A 201 11.03 -0.33 -13.26
N LEU A 202 9.90 -0.62 -12.62
CA LEU A 202 8.58 -0.19 -13.08
C LEU A 202 8.55 1.28 -13.44
N HIS A 203 7.69 1.61 -14.41
CA HIS A 203 7.37 2.99 -14.76
C HIS A 203 6.38 3.59 -13.76
N GLU A 204 6.28 4.92 -13.77
CA GLU A 204 5.24 5.56 -12.96
C GLU A 204 3.87 4.98 -13.30
N GLU A 205 3.59 4.80 -14.59
CA GLU A 205 2.30 4.28 -15.03
C GLU A 205 2.07 2.84 -14.58
N GLU A 206 3.12 2.04 -14.44
CA GLU A 206 2.90 0.66 -14.05
C GLU A 206 2.82 0.52 -12.54
N HIS A 207 3.70 1.24 -11.83
CA HIS A 207 3.67 1.20 -10.37
C HIS A 207 2.32 1.61 -9.84
N VAL A 208 1.69 2.59 -10.49
CA VAL A 208 0.42 3.10 -10.03
C VAL A 208 -0.75 2.23 -10.48
N LEU A 209 -0.65 1.59 -11.65
CA LEU A 209 -1.63 0.57 -12.01
C LEU A 209 -1.54 -0.61 -11.06
N LEU A 210 -0.32 -0.96 -10.64
CA LEU A 210 -0.17 -2.10 -9.77
C LEU A 210 -0.90 -1.87 -8.46
N MET A 211 -0.76 -0.67 -7.89
CA MET A 211 -1.43 -0.37 -6.63
C MET A 211 -2.95 -0.39 -6.79
N ALA A 212 -3.47 0.16 -7.89
CA ALA A 212 -4.92 0.16 -8.08
C ALA A 212 -5.44 -1.25 -8.34
N ILE A 213 -4.68 -2.07 -9.06
CA ILE A 213 -5.04 -3.46 -9.31
C ILE A 213 -5.06 -4.25 -8.00
N CYS A 214 -4.13 -3.93 -7.11
CA CYS A 214 -4.12 -4.54 -5.77
C CYS A 214 -5.33 -4.12 -4.94
N LEU A 215 -5.65 -2.82 -4.94
CA LEU A 215 -6.79 -2.29 -4.17
C LEU A 215 -8.09 -2.94 -4.57
N LEU A 216 -8.23 -3.35 -5.83
CA LEU A 216 -9.50 -3.78 -6.37
C LEU A 216 -9.61 -5.30 -6.46
N SER A 217 -8.92 -6.01 -5.57
CA SER A 217 -8.97 -7.46 -5.57
C SER A 217 -10.31 -7.91 -5.03
N PRO A 218 -11.12 -8.64 -5.80
CA PRO A 218 -12.43 -9.07 -5.28
C PRO A 218 -12.34 -10.06 -4.14
N ASP A 219 -11.20 -10.69 -3.91
CA ASP A 219 -11.10 -11.75 -2.90
C ASP A 219 -10.56 -11.20 -1.59
N ARG A 220 -11.28 -10.22 -1.05
CA ARG A 220 -11.00 -9.71 0.28
C ARG A 220 -12.12 -10.11 1.22
N PRO A 221 -11.81 -10.42 2.47
CA PRO A 221 -12.90 -10.69 3.42
C PRO A 221 -13.77 -9.44 3.53
N GLY A 222 -15.09 -9.65 3.49
CA GLY A 222 -16.01 -8.54 3.68
C GLY A 222 -16.72 -8.05 2.43
N VAL A 223 -16.03 -8.02 1.29
CA VAL A 223 -16.63 -7.44 0.09
C VAL A 223 -17.87 -8.24 -0.30
N GLN A 224 -18.86 -7.53 -0.83
CA GLN A 224 -20.18 -8.09 -1.08
C GLN A 224 -20.53 -8.13 -2.56
N ASP A 225 -20.15 -7.10 -3.32
CA ASP A 225 -20.40 -7.07 -4.76
C ASP A 225 -19.10 -7.36 -5.50
N HIS A 226 -18.65 -8.61 -5.37
CA HIS A 226 -17.41 -9.02 -5.99
C HIS A 226 -17.50 -9.15 -7.50
N VAL A 227 -18.73 -9.18 -8.06
CA VAL A 227 -18.89 -9.13 -9.51
C VAL A 227 -18.39 -7.80 -10.07
N ARG A 228 -18.85 -6.69 -9.49
CA ARG A 228 -18.47 -5.37 -10.01
C ARG A 228 -17.02 -5.06 -9.72
N ILE A 229 -16.52 -5.45 -8.55
CA ILE A 229 -15.11 -5.21 -8.21
C ILE A 229 -14.20 -6.04 -9.11
N GLU A 230 -14.61 -7.27 -9.42
CA GLU A 230 -13.93 -8.07 -10.44
C GLU A 230 -13.80 -7.28 -11.73
N ALA A 231 -14.92 -6.71 -12.21
CA ALA A 231 -14.93 -5.99 -13.48
C ALA A 231 -14.01 -4.78 -13.47
N LEU A 232 -14.00 -4.00 -12.37
CA LEU A 232 -13.11 -2.84 -12.32
C LEU A 232 -11.66 -3.26 -12.34
N GLN A 233 -11.35 -4.39 -11.71
CA GLN A 233 -9.95 -4.80 -11.67
C GLN A 233 -9.47 -5.38 -12.99
N ASP A 234 -10.37 -6.05 -13.74
CA ASP A 234 -9.96 -6.61 -15.03
C ASP A 234 -9.76 -5.50 -16.06
N ARG A 235 -10.54 -4.41 -15.95
CA ARG A 235 -10.36 -3.26 -16.83
C ARG A 235 -9.00 -2.62 -16.62
N LEU A 236 -8.51 -2.61 -15.38
CA LEU A 236 -7.17 -2.08 -15.09
C LEU A 236 -6.08 -3.05 -15.52
N CYS A 237 -6.32 -4.35 -15.39
CA CYS A 237 -5.36 -5.33 -15.88
C CYS A 237 -5.24 -5.26 -17.40
N ASP A 238 -6.34 -4.98 -18.09
CA ASP A 238 -6.28 -4.68 -19.52
C ASP A 238 -5.38 -3.49 -19.78
N VAL A 239 -5.56 -2.41 -19.01
CA VAL A 239 -4.73 -1.22 -19.19
C VAL A 239 -3.26 -1.57 -19.02
N LEU A 240 -2.92 -2.25 -17.92
CA LEU A 240 -1.51 -2.53 -17.66
C LEU A 240 -0.90 -3.39 -18.77
N GLN A 241 -1.61 -4.44 -19.17
CA GLN A 241 -1.13 -5.30 -20.25
C GLN A 241 -0.96 -4.51 -21.54
N ALA A 242 -1.93 -3.67 -21.88
CA ALA A 242 -1.75 -2.83 -23.05
C ALA A 242 -0.56 -1.90 -22.88
N TYR A 243 -0.42 -1.28 -21.70
CA TYR A 243 0.69 -0.35 -21.49
C TYR A 243 2.02 -1.06 -21.66
N ILE A 244 2.21 -2.20 -21.01
CA ILE A 244 3.49 -2.90 -21.08
C ILE A 244 3.87 -3.23 -22.52
N ARG A 245 2.90 -3.66 -23.34
CA ARG A 245 3.21 -4.11 -24.69
C ARG A 245 3.53 -2.95 -25.62
N ILE A 246 2.65 -1.92 -25.62
CA ILE A 246 2.85 -0.75 -26.47
C ILE A 246 4.06 0.05 -26.00
N GLN A 247 4.04 0.49 -24.74
CA GLN A 247 4.94 1.54 -24.27
C GLN A 247 6.08 1.06 -23.37
N HIS A 248 6.28 -0.25 -23.23
CA HIS A 248 7.42 -0.75 -22.45
C HIS A 248 8.27 -1.69 -23.28
N PRO A 249 9.30 -1.16 -23.87
CA PRO A 249 10.27 -1.74 -24.75
C PRO A 249 10.59 -3.13 -24.35
N GLY A 250 11.09 -3.30 -23.15
CA GLY A 250 11.44 -4.63 -22.76
C GLY A 250 10.29 -5.28 -22.06
N GLY A 251 10.57 -6.39 -21.40
CA GLY A 251 9.57 -7.06 -20.59
C GLY A 251 8.28 -7.64 -21.12
N ARG A 252 8.40 -8.79 -21.77
CA ARG A 252 7.31 -9.57 -22.24
C ARG A 252 6.82 -10.39 -21.08
N LEU A 253 7.69 -10.69 -20.14
CA LEU A 253 7.30 -11.44 -18.99
C LEU A 253 7.05 -10.55 -17.79
N LEU A 254 7.05 -9.25 -17.97
CA LEU A 254 6.95 -8.33 -16.83
C LEU A 254 5.57 -8.39 -16.17
N TYR A 255 4.51 -8.39 -16.97
CA TYR A 255 3.16 -8.44 -16.41
C TYR A 255 2.97 -9.67 -15.54
N ALA A 256 3.41 -10.84 -16.02
CA ALA A 256 3.35 -12.04 -15.20
C ALA A 256 4.14 -11.88 -13.91
N LYS A 257 5.21 -11.07 -13.94
CA LYS A 257 6.01 -10.86 -12.74
C LYS A 257 5.30 -9.95 -11.76
N MET A 258 4.57 -8.96 -12.29
CA MET A 258 3.82 -8.03 -11.45
C MET A 258 2.68 -8.73 -10.73
N ILE A 259 1.98 -9.64 -11.42
CA ILE A 259 0.93 -10.42 -10.77
C ILE A 259 1.53 -11.28 -9.66
N GLN A 260 2.74 -11.82 -9.90
CA GLN A 260 3.42 -12.56 -8.84
C GLN A 260 3.62 -11.68 -7.60
N LYS A 261 3.96 -10.41 -7.81
CA LYS A 261 4.17 -9.51 -6.68
C LYS A 261 2.90 -9.37 -5.84
N LEU A 262 1.72 -9.47 -6.46
CA LEU A 262 0.48 -9.46 -5.70
C LEU A 262 0.37 -10.66 -4.78
N ALA A 263 0.71 -11.85 -5.30
CA ALA A 263 0.69 -13.05 -4.46
C ALA A 263 1.64 -12.92 -3.29
N ASP A 264 2.80 -12.28 -3.51
CA ASP A 264 3.74 -12.06 -2.43
C ASP A 264 3.13 -11.19 -1.34
N LEU A 265 2.43 -10.13 -1.74
CA LEU A 265 1.83 -9.20 -0.78
C LEU A 265 0.75 -9.87 0.05
N ARG A 266 0.02 -10.83 -0.53
CA ARG A 266 -0.94 -11.57 0.26
C ARG A 266 -0.25 -12.29 1.41
N SER A 267 0.90 -12.91 1.13
CA SER A 267 1.67 -13.58 2.18
C SER A 267 2.21 -12.58 3.19
N LEU A 268 2.73 -11.45 2.71
CA LEU A 268 3.11 -10.36 3.59
C LEU A 268 1.93 -9.90 4.42
N ASN A 269 0.76 -9.78 3.80
CA ASN A 269 -0.42 -9.30 4.51
C ASN A 269 -0.77 -10.25 5.66
N GLU A 270 -0.60 -11.54 5.44
CA GLU A 270 -1.03 -12.49 6.46
C GLU A 270 -0.08 -12.48 7.64
N GLU A 271 1.22 -12.41 7.38
CA GLU A 271 2.19 -12.42 8.47
C GLU A 271 2.07 -11.15 9.30
N HIS A 272 1.91 -10.01 8.63
CA HIS A 272 1.68 -8.75 9.32
C HIS A 272 0.47 -8.83 10.25
N SER A 273 -0.69 -9.22 9.69
CA SER A 273 -1.92 -9.33 10.47
C SER A 273 -1.71 -10.07 11.78
N LYS A 274 -0.89 -11.14 11.77
CA LYS A 274 -0.69 -11.94 12.97
C LYS A 274 0.11 -11.17 14.00
N GLN A 275 1.22 -10.56 13.56
CA GLN A 275 2.00 -9.76 14.49
C GLN A 275 1.24 -8.54 14.93
N TYR A 276 0.38 -7.99 14.07
CA TYR A 276 -0.39 -6.82 14.46
C TYR A 276 -1.51 -7.19 15.40
N ARG A 277 -2.20 -8.29 15.14
CA ARG A 277 -3.22 -8.74 16.09
C ARG A 277 -2.61 -8.97 17.45
N SER A 278 -1.47 -9.65 17.49
CA SER A 278 -0.77 -9.86 18.75
C SER A 278 -0.41 -8.53 19.41
N LEU A 279 0.03 -7.55 18.63
CA LEU A 279 0.41 -6.26 19.20
C LEU A 279 -0.82 -5.49 19.66
N SER A 280 -1.79 -5.29 18.78
CA SER A 280 -3.01 -4.57 19.12
C SER A 280 -3.72 -5.13 20.35
N PHE A 281 -3.47 -6.39 20.73
CA PHE A 281 -4.14 -6.98 21.89
C PHE A 281 -3.37 -6.75 23.18
N GLN A 282 -2.26 -6.03 23.13
CA GLN A 282 -1.47 -5.69 24.30
C GLN A 282 -1.63 -4.21 24.62
N PRO A 283 -2.32 -3.85 25.71
CA PRO A 283 -2.64 -2.42 25.95
C PRO A 283 -1.42 -1.53 26.04
N GLU A 284 -0.30 -2.00 26.58
CA GLU A 284 0.90 -1.17 26.62
C GLU A 284 1.38 -0.77 25.23
N HIS A 285 1.10 -1.59 24.22
CA HIS A 285 1.47 -1.28 22.84
C HIS A 285 0.32 -0.65 22.06
N SER A 286 -0.90 -1.15 22.20
CA SER A 286 -2.01 -0.52 21.49
C SER A 286 -2.24 0.94 21.86
N MET A 287 -1.80 1.39 23.04
CA MET A 287 -1.98 2.80 23.36
C MET A 287 -0.97 3.69 22.65
N GLN A 288 0.06 3.12 22.05
CA GLN A 288 0.97 3.86 21.21
C GLN A 288 0.51 3.92 19.75
N LEU A 289 -0.51 3.15 19.38
CA LEU A 289 -1.09 3.23 18.04
C LEU A 289 -1.93 4.49 17.89
N THR A 290 -2.48 4.71 16.70
CA THR A 290 -3.38 5.83 16.46
C THR A 290 -4.81 5.34 16.30
N PRO A 291 -5.79 6.19 16.57
CA PRO A 291 -7.18 5.80 16.29
C PRO A 291 -7.40 5.24 14.87
N LEU A 292 -6.79 5.85 13.85
CA LEU A 292 -7.00 5.38 12.48
C LEU A 292 -6.40 4.00 12.27
N VAL A 293 -5.18 3.78 12.78
CA VAL A 293 -4.55 2.46 12.67
C VAL A 293 -5.44 1.41 13.32
N LEU A 294 -5.90 1.69 14.54
CA LEU A 294 -6.72 0.72 15.26
C LEU A 294 -8.03 0.44 14.53
N GLU A 295 -8.58 1.46 13.85
CA GLU A 295 -9.84 1.27 13.15
C GLU A 295 -9.67 0.48 11.85
N VAL A 296 -8.63 0.78 11.07
CA VAL A 296 -8.44 0.15 9.77
C VAL A 296 -7.86 -1.26 9.91
N PHE A 297 -6.97 -1.48 10.88
CA PHE A 297 -6.36 -2.79 11.07
C PHE A 297 -7.10 -3.65 12.08
N GLY A 298 -8.21 -3.16 12.62
CA GLY A 298 -8.92 -3.86 13.68
C GLY A 298 -10.10 -4.63 13.13
N SER A 299 -10.66 -5.45 14.00
CA SER A 299 -11.59 -6.50 13.61
C SER A 299 -13.06 -6.07 13.59
N GLU A 300 -13.35 -4.77 13.73
CA GLU A 300 -14.75 -4.34 13.76
C GLU A 300 -15.37 -4.46 12.37
N VAL A 301 -16.65 -4.10 12.27
CA VAL A 301 -17.38 -4.18 11.00
C VAL A 301 -18.36 -3.02 10.81
N ASN B 1 -19.28 -0.01 13.24
CA ASN B 1 -19.06 0.84 12.06
C ASN B 1 -17.68 1.49 12.06
N HIS B 2 -17.42 2.33 11.04
CA HIS B 2 -16.08 2.85 10.77
C HIS B 2 -16.13 4.36 10.61
N PRO B 3 -16.31 5.09 11.70
CA PRO B 3 -16.54 6.55 11.55
C PRO B 3 -15.39 7.27 10.90
N MET B 4 -14.15 6.86 11.18
CA MET B 4 -13.00 7.57 10.64
C MET B 4 -12.78 7.24 9.19
N LEU B 5 -12.87 5.95 8.84
CA LEU B 5 -12.79 5.54 7.44
C LEU B 5 -13.88 6.20 6.62
N MET B 6 -15.10 6.25 7.16
CA MET B 6 -16.21 6.91 6.49
C MET B 6 -15.90 8.37 6.23
N ASN B 7 -15.33 9.07 7.22
CA ASN B 7 -15.09 10.50 7.07
C ASN B 7 -14.02 10.78 6.04
N LEU B 8 -12.97 9.97 6.01
CA LEU B 8 -11.91 10.15 5.02
C LEU B 8 -12.38 9.88 3.60
N LEU B 9 -13.42 9.05 3.43
CA LEU B 9 -13.99 8.77 2.10
C LEU B 9 -15.05 9.81 1.74
N LYS B 10 -14.63 11.07 1.70
CA LYS B 10 -15.50 12.26 1.47
C LYS B 10 -16.90 12.15 2.08
C7 2QI C . 7.38 -0.40 5.85
C8 2QI C . 7.92 0.98 5.57
C9 2QI C . 9.19 1.24 6.33
O1 2QI C . 3.89 -1.32 10.39
C1 2QI C . 5.63 -2.33 8.69
C5 2QI C . 5.47 -1.93 6.14
C6 2QI C . 6.17 -1.01 5.11
C4 2QI C . 6.36 -1.86 7.40
C3 2QI C . 3.52 -2.27 9.74
O3 2QI C . 3.89 5.36 2.51
C2 2QI C . 4.16 -2.64 8.41
C 2QI C . 6.29 -3.53 9.35
O 2QI C . 2.57 -3.08 10.12
C10 2QI C . 8.89 1.16 7.82
C11 2QI C . 8.20 -0.14 8.20
C12 2QI C . 6.95 -0.44 7.35
C13 2QI C . 5.85 0.61 7.62
C14 2QI C . 7.29 1.92 4.85
C15 2QI C . 7.80 3.23 4.55
C16 2QI C . 7.18 4.26 3.89
C17 2QI C . 7.95 5.55 3.67
C18 2QI C . 7.53 6.26 2.40
C19 2QI C . 6.03 6.49 2.41
C20 2QI C . 5.30 5.17 2.38
C21 2QI C . 5.76 4.26 3.49
C22 2QI C . 4.85 3.49 4.05
O2 2QI C . 7.86 5.43 1.28
#